data_9J6Y
#
_entry.id   9J6Y
#
loop_
_entity.id
_entity.type
_entity.pdbx_description
1 polymer 'RNA (550-MER)'
2 non-polymer 'MAGNESIUM ION'
#
_entity_poly.entity_id   1
_entity_poly.type   'polyribonucleotide'
_entity_poly.pdbx_seq_one_letter_code
;UUAGUAUAUAAGUGUACCGAUGAAGCUAGUGGAUAAGGUGUGACAAGCCGCCUAGCCAUACGUCUCUUAAUAACUACUAU
GACGAAAUAUACGGAUACGUUUAUUUUUUCUAAUUUCCACUUGGGUAGUACUAAUUGGGAGCAACGAAAAAAAGUUGUGU
AGAGAGAAGCAAGGGGACUCAUAUCUGAAACUAAGACACUUGCCGUCAGGGAUUCGCAAUAUACCAUCUUUAGUUAAUUA
AGGCUGAUUACCUUAGGAACCAACGAAGAAUAUCAAUUAAGAAUUCGUGUCGUGAAGUUGUGGUGAUGCAACUAUAACUG
ACGAGUAAGGUUUGAGUAGCCAAAAUCGACAAUCUUAUAUUAACAGAAAUAUGGACAUUACACAUGUUUGGUGAAAAUUG
GAUAGGAAAAGGUCUAUGCCCUGAACUUGAAAUGCGGACUAGGUCAUGGAAGUUGCUAGCCAUGAUGUGCUAGUCUGAUU
CAGUAGUCUAAUAAGUCCAGAUACAAGAGUAUCCCACGUAAGCCAAUACGCGUCGGUUUACAUAAUUUUU
;
_entity_poly.pdbx_strand_id   C,F,B,E,A,D
#
loop_
_chem_comp.id
_chem_comp.type
_chem_comp.name
_chem_comp.formula
A RNA linking ADENOSINE-5'-MONOPHOSPHATE 'C10 H14 N5 O7 P'
C RNA linking CYTIDINE-5'-MONOPHOSPHATE 'C9 H14 N3 O8 P'
G RNA linking GUANOSINE-5'-MONOPHOSPHATE 'C10 H14 N5 O8 P'
MG non-polymer 'MAGNESIUM ION' 'Mg 2'
U RNA linking URIDINE-5'-MONOPHOSPHATE 'C9 H13 N2 O9 P'
#
# COMPACT_ATOMS: atom_id res chain seq x y z
MG MG G . 20.46 -30.76 -83.40
MG MG H . 20.25 42.53 -70.34
MG MG I . -27.10 20.10 -68.66
MG MG J . -13.83 49.63 -57.93
MG MG K . -18.67 39.98 -67.17
MG MG L . -32.37 48.49 -59.29
MG MG M . -0.36 40.65 -69.82
MG MG N . -7.25 -36.44 -82.43
MG MG O . 36.17 44.89 -72.77
MG MG P . -8.93 -16.48 89.27
MG MG Q . -41.24 43.68 59.63
MG MG R . 11.14 45.45 60.51
MG MG S . -13.44 62.37 44.01
MG MG T . -5.29 58.40 54.95
MG MG U . 3.49 70.11 44.56
MG MG V . -22.03 51.29 58.40
MG MG W . 18.34 -9.04 88.07
MG MG X . -56.61 39.06 62.35
MG MG Y . 86.27 -23.08 18.59
MG MG Z . 53.47 -49.94 -42.60
MG MG AA . 33.96 -68.51 2.37
MG MG BA . 23.45 -67.50 -30.06
MG MG CA . 31.17 -71.64 -18.86
MG MG DA . 15.09 -79.62 -18.66
MG MG EA . 42.74 -61.89 -29.53
MG MG FA . 72.60 -37.47 38.74
MG MG GA . 63.07 -42.38 -53.33
MG MG HA . -70.43 56.33 13.69
MG MG IA . -82.37 -10.76 -16.30
MG MG JA . -55.93 22.36 -47.15
MG MG KA . -61.01 -11.35 -46.46
MG MG LA . -64.16 2.38 -48.34
MG MG MA . -54.85 -3.89 -62.37
MG MG NA . -73.56 -2.85 -33.28
MG MG OA . -57.35 69.48 -7.68
MG MG PA . -91.23 -16.73 -4.02
MG MG QA . 37.87 77.26 -30.28
MG MG RA . 77.22 31.87 13.68
MG MG SA . 36.95 55.51 37.48
MG MG TA . 56.79 28.64 44.32
MG MG UA . 53.26 42.32 42.80
MG MG VA . 47.03 35.95 58.39
MG MG WA . 64.84 38.60 28.85
MG MG XA . 19.07 87.59 -11.83
MG MG YA . 88.50 27.90 2.64
MG MG ZA . 76.28 12.38 -50.18
MG MG AB . -65.24 -63.27 -7.87
MG MG BB . -27.33 -57.38 55.93
MG MG CB . 0.99 -74.91 15.44
MG MG DB . 8.04 -61.78 46.11
MG MG EB . 3.69 -71.43 36.63
MG MG FB . 21.62 -71.05 37.37
MG MG GB . -11.62 -65.81 45.39
MG MG HB . -45.41 -74.12 -24.89
MG MG IB . -39.91 -52.74 65.14
MG MG JB . -76.28 -12.37 50.18
#